data_2KYP
#
_entry.id   2KYP
#
_entity_poly.entity_id   1
_entity_poly.type   'polydeoxyribonucleotide'
_entity_poly.pdbx_seq_one_letter_code
;(DC)(DG)(DG)(DG)(DC)(DG)(DG)(DG)(DC)(DG)(DC)(DT)(DA)(DG)(DG)(DG)(DA)(DG)(DG)(DG)
(DT)
;
_entity_poly.pdbx_strand_id   A
#